data_3TOJ
#
_entry.id   3TOJ
#
_cell.length_a   115.289
_cell.length_b   115.289
_cell.length_c   105.780
_cell.angle_alpha   90.00
_cell.angle_beta   90.00
_cell.angle_gamma   120.00
#
_symmetry.space_group_name_H-M   'P 31 2 1'
#
loop_
_entity.id
_entity.type
_entity.pdbx_description
1 polymer 'Set1/Ash2 histone methyltransferase complex subunit ASH2'
2 water water
#
_entity_poly.entity_id   1
_entity_poly.type   'polypeptide(L)'
_entity_poly.pdbx_seq_one_letter_code
;SGDLYRACLYERVLLALHDRAPQLKISDDRLTVVGEKGYSMVRASHGVRKGAWYFEITVDEMPPDTAARLGWSQPLGNLQ
APLGYDKFSYSWRSKKGTKFHQSIGKHYSSGYGQGDVLGFYINLPEDTISGRGSSEIIFYKNGVNQGVAYKDIFEGVYFP
AISLYKSCTVSINFGPCFKYPPKDLTYRPMSDMGWGAVVEHTLADVLYHVETE
;
_entity_poly.pdbx_strand_id   A,B
#
# COMPACT_ATOMS: atom_id res chain seq x y z
N SER A 1 -20.91 -13.79 2.17
CA SER A 1 -21.37 -12.59 1.48
C SER A 1 -20.44 -12.23 0.32
N GLY A 2 -21.03 -11.74 -0.77
CA GLY A 2 -20.25 -11.25 -1.89
C GLY A 2 -20.02 -9.74 -1.84
N ASP A 3 -20.46 -9.11 -0.74
CA ASP A 3 -20.37 -7.66 -0.60
CA ASP A 3 -20.36 -7.67 -0.58
C ASP A 3 -18.95 -7.13 -0.80
N LEU A 4 -17.95 -7.82 -0.25
CA LEU A 4 -16.56 -7.36 -0.37
C LEU A 4 -16.02 -7.44 -1.80
N TYR A 5 -16.70 -8.20 -2.65
CA TYR A 5 -16.22 -8.40 -4.02
C TYR A 5 -16.75 -7.35 -5.02
N ARG A 6 -17.59 -6.42 -4.56
CA ARG A 6 -18.14 -5.40 -5.45
C ARG A 6 -17.13 -4.34 -5.84
N ALA A 7 -17.23 -3.87 -7.08
CA ALA A 7 -16.39 -2.77 -7.54
C ALA A 7 -16.77 -1.45 -6.84
N CYS A 8 -15.84 -0.51 -6.78
CA CYS A 8 -16.14 0.82 -6.25
C CYS A 8 -15.32 1.88 -6.98
N LEU A 9 -15.67 3.14 -6.80
CA LEU A 9 -14.93 4.23 -7.42
C LEU A 9 -13.74 4.60 -6.55
N TYR A 10 -12.61 4.88 -7.19
CA TYR A 10 -11.43 5.37 -6.47
C TYR A 10 -10.86 6.55 -7.23
N GLU A 11 -10.48 7.61 -6.51
CA GLU A 11 -9.76 8.71 -7.13
C GLU A 11 -8.45 8.96 -6.38
N ARG A 12 -7.42 9.36 -7.10
CA ARG A 12 -6.11 9.57 -6.51
C ARG A 12 -6.12 10.78 -5.59
N VAL A 13 -5.37 10.66 -4.49
CA VAL A 13 -5.09 11.81 -3.64
C VAL A 13 -3.77 12.40 -4.14
N LEU A 14 -3.76 13.70 -4.45
CA LEU A 14 -2.60 14.34 -5.08
C LEU A 14 -2.44 15.75 -4.53
N LEU A 15 -1.36 16.45 -4.89
CA LEU A 15 -1.33 17.91 -4.68
C LEU A 15 -2.47 18.45 -5.53
N ALA A 16 -3.06 19.57 -5.13
CA ALA A 16 -4.31 20.02 -5.78
C ALA A 16 -4.15 20.40 -7.25
N LEU A 17 -5.21 20.22 -8.01
CA LEU A 17 -5.24 20.63 -9.41
C LEU A 17 -5.15 22.16 -9.57
N HIS A 18 -6.01 22.89 -8.86
CA HIS A 18 -6.04 24.37 -8.96
C HIS A 18 -5.83 25.09 -7.62
N ASP A 19 -5.98 24.37 -6.50
CA ASP A 19 -5.91 24.97 -5.17
C ASP A 19 -4.45 25.13 -4.72
N ARG A 20 -3.75 26.09 -5.33
CA ARG A 20 -2.30 26.18 -5.20
C ARG A 20 -1.83 27.58 -5.56
N ALA A 21 -0.76 28.03 -4.89
CA ALA A 21 -0.08 29.25 -5.31
C ALA A 21 0.45 29.00 -6.72
N PRO A 22 0.11 29.88 -7.66
CA PRO A 22 0.50 29.59 -9.04
C PRO A 22 2.01 29.61 -9.28
N GLN A 23 2.79 30.24 -8.41
CA GLN A 23 4.23 30.26 -8.62
C GLN A 23 4.96 28.95 -8.28
N LEU A 24 4.33 28.07 -7.49
CA LEU A 24 4.98 26.79 -7.18
C LEU A 24 5.02 25.91 -8.42
N LYS A 25 6.12 25.19 -8.59
CA LYS A 25 6.30 24.36 -9.77
C LYS A 25 6.04 22.90 -9.42
N ILE A 26 4.94 22.35 -9.93
CA ILE A 26 4.52 20.99 -9.58
C ILE A 26 4.75 19.99 -10.71
N SER A 27 5.26 18.81 -10.38
CA SER A 27 5.57 17.78 -11.37
C SER A 27 4.32 17.24 -12.08
N ASP A 28 4.52 16.54 -13.19
CA ASP A 28 3.40 15.97 -13.93
C ASP A 28 2.63 14.91 -13.14
N ASP A 29 3.30 14.19 -12.24
CA ASP A 29 2.60 13.18 -11.45
C ASP A 29 1.88 13.78 -10.24
N ARG A 30 2.07 15.10 -10.05
CA ARG A 30 1.35 15.88 -9.05
C ARG A 30 1.74 15.51 -7.62
N LEU A 31 2.97 15.03 -7.44
CA LEU A 31 3.45 14.61 -6.12
C LEU A 31 4.77 15.28 -5.71
N THR A 32 5.40 16.00 -6.64
CA THR A 32 6.64 16.73 -6.34
C THR A 32 6.46 18.23 -6.61
N VAL A 33 7.00 19.07 -5.73
CA VAL A 33 6.83 20.53 -5.87
C VAL A 33 8.11 21.26 -5.51
N VAL A 34 8.40 22.33 -6.26
CA VAL A 34 9.58 23.18 -6.06
C VAL A 34 9.18 24.61 -5.72
N GLY A 35 9.84 25.21 -4.74
CA GLY A 35 9.50 26.55 -4.28
C GLY A 35 10.00 27.64 -5.20
N GLU A 36 9.51 28.86 -4.98
CA GLU A 36 9.86 30.01 -5.80
C GLU A 36 9.81 31.32 -5.00
N LYS A 37 10.98 31.87 -4.71
CA LYS A 37 11.08 33.13 -3.97
C LYS A 37 10.38 33.03 -2.60
N GLY A 38 9.64 34.08 -2.26
CA GLY A 38 8.94 34.14 -0.98
C GLY A 38 8.05 32.93 -0.74
N TYR A 39 7.77 32.65 0.53
CA TYR A 39 6.93 31.51 0.90
C TYR A 39 5.61 31.54 0.12
N SER A 40 5.21 30.37 -0.37
CA SER A 40 3.88 30.19 -0.93
C SER A 40 3.50 28.71 -0.75
N MET A 41 2.23 28.41 -0.93
CA MET A 41 1.70 27.16 -0.38
C MET A 41 0.79 26.40 -1.35
N VAL A 42 0.73 25.08 -1.18
CA VAL A 42 -0.24 24.25 -1.90
C VAL A 42 -0.89 23.23 -0.95
N ARG A 43 -2.19 23.03 -1.11
CA ARG A 43 -2.91 21.99 -0.36
C ARG A 43 -3.09 20.72 -1.20
N ALA A 44 -3.30 19.59 -0.53
CA ALA A 44 -3.66 18.36 -1.22
C ALA A 44 -5.05 18.48 -1.82
N SER A 45 -5.42 17.47 -2.61
CA SER A 45 -6.71 17.41 -3.26
C SER A 45 -7.83 16.99 -2.31
N HIS A 46 -7.46 16.36 -1.20
CA HIS A 46 -8.44 15.83 -0.23
C HIS A 46 -8.09 16.24 1.21
N GLY A 47 -9.10 16.47 2.04
CA GLY A 47 -8.89 16.82 3.44
C GLY A 47 -9.75 15.99 4.39
N VAL A 48 -9.43 16.01 5.67
CA VAL A 48 -10.10 15.14 6.65
C VAL A 48 -10.71 15.94 7.81
N ARG A 49 -11.82 15.45 8.33
CA ARG A 49 -12.56 16.13 9.39
C ARG A 49 -12.68 15.28 10.66
N LYS A 50 -12.60 13.96 10.51
CA LYS A 50 -12.68 13.07 11.66
C LYS A 50 -11.83 11.83 11.46
N GLY A 51 -11.29 11.29 12.56
CA GLY A 51 -10.46 10.11 12.48
C GLY A 51 -8.98 10.46 12.57
N ALA A 52 -8.13 9.45 12.47
CA ALA A 52 -6.69 9.63 12.51
C ALA A 52 -6.09 9.32 11.15
N TRP A 53 -5.24 10.22 10.65
CA TRP A 53 -4.71 10.11 9.29
C TRP A 53 -3.22 10.39 9.22
N TYR A 54 -2.57 9.91 8.17
CA TYR A 54 -1.12 9.98 8.08
C TYR A 54 -0.66 10.19 6.64
N PHE A 55 0.42 10.93 6.48
CA PHE A 55 1.11 11.04 5.20
C PHE A 55 2.60 11.32 5.45
N GLU A 56 3.41 11.19 4.40
CA GLU A 56 4.85 11.44 4.48
C GLU A 56 5.30 12.43 3.43
N ILE A 57 6.34 13.20 3.77
CA ILE A 57 7.02 14.04 2.80
C ILE A 57 8.52 13.78 2.85
N THR A 58 9.12 13.60 1.67
CA THR A 58 10.56 13.45 1.58
C THR A 58 11.17 14.77 1.09
N VAL A 59 12.18 15.26 1.79
CA VAL A 59 12.86 16.47 1.36
C VAL A 59 13.91 16.06 0.32
N ASP A 60 13.56 16.16 -0.95
CA ASP A 60 14.43 15.70 -2.03
C ASP A 60 15.68 16.56 -2.12
N GLU A 61 15.50 17.87 -2.13
CA GLU A 61 16.64 18.79 -2.19
C GLU A 61 16.36 20.08 -1.43
N MET A 62 17.30 20.47 -0.57
CA MET A 62 17.17 21.70 0.20
C MET A 62 18.49 22.45 0.26
N PRO A 63 18.78 23.24 -0.77
CA PRO A 63 20.01 24.05 -0.91
C PRO A 63 20.11 25.11 0.19
N PRO A 64 21.33 25.63 0.42
CA PRO A 64 21.47 26.71 1.39
C PRO A 64 20.50 27.85 1.10
N ASP A 65 19.98 28.48 2.17
CA ASP A 65 19.08 29.62 2.05
C ASP A 65 17.68 29.22 1.56
N THR A 66 17.33 27.95 1.67
CA THR A 66 15.96 27.53 1.39
C THR A 66 15.34 26.87 2.62
N ALA A 67 14.01 26.77 2.64
CA ALA A 67 13.31 26.29 3.82
C ALA A 67 11.92 25.81 3.48
N ALA A 68 11.34 25.04 4.41
CA ALA A 68 9.98 24.55 4.26
C ALA A 68 9.25 24.68 5.58
N ARG A 69 7.95 24.89 5.50
CA ARG A 69 7.08 24.77 6.66
C ARG A 69 5.96 23.86 6.19
N LEU A 70 5.90 22.67 6.78
CA LEU A 70 5.03 21.60 6.34
C LEU A 70 4.02 21.24 7.42
N GLY A 71 2.83 20.80 7.01
CA GLY A 71 1.82 20.45 7.99
C GLY A 71 0.42 20.31 7.45
N TRP A 72 -0.53 20.93 8.15
CA TRP A 72 -1.93 20.79 7.81
C TRP A 72 -2.56 22.17 7.73
N SER A 73 -3.48 22.35 6.79
CA SER A 73 -4.16 23.63 6.62
C SER A 73 -5.65 23.44 6.36
N GLN A 74 -6.48 24.30 6.95
CA GLN A 74 -7.86 24.42 6.51
C GLN A 74 -7.93 25.15 5.17
N PRO A 75 -9.10 25.10 4.51
CA PRO A 75 -9.23 25.75 3.20
C PRO A 75 -8.95 27.26 3.22
N LEU A 76 -9.17 27.94 4.34
CA LEU A 76 -8.93 29.39 4.41
C LEU A 76 -7.46 29.76 4.60
N GLY A 77 -6.59 28.77 4.79
CA GLY A 77 -5.16 29.04 4.85
C GLY A 77 -4.67 29.90 3.68
N ASN A 78 -3.88 30.94 3.99
CA ASN A 78 -3.38 31.87 2.98
C ASN A 78 -2.33 31.22 2.06
N LEU A 79 -2.63 31.14 0.77
CA LEU A 79 -1.74 30.47 -0.19
C LEU A 79 -0.45 31.25 -0.47
N GLN A 80 -0.46 32.54 -0.14
CA GLN A 80 0.67 33.42 -0.42
C GLN A 80 1.40 33.77 0.86
N ALA A 81 1.45 32.83 1.80
CA ALA A 81 2.12 33.03 3.07
C ALA A 81 2.71 31.71 3.55
N PRO A 82 3.59 31.75 4.56
CA PRO A 82 4.14 30.49 5.10
C PRO A 82 3.06 29.73 5.85
N LEU A 83 3.10 28.40 5.79
CA LEU A 83 2.18 27.58 6.58
C LEU A 83 2.32 27.92 8.06
N GLY A 84 1.20 28.02 8.77
CA GLY A 84 1.21 28.40 10.18
C GLY A 84 1.21 29.91 10.40
N TYR A 85 1.06 30.64 9.31
CA TYR A 85 1.04 32.11 9.36
C TYR A 85 -0.18 32.66 10.08
N ASP A 86 -1.29 31.93 9.99
CA ASP A 86 -2.55 32.41 10.53
C ASP A 86 -3.19 31.33 11.40
N LYS A 87 -4.44 31.53 11.78
CA LYS A 87 -5.13 30.58 12.65
C LYS A 87 -5.57 29.30 11.91
N PHE A 88 -5.42 29.30 10.58
CA PHE A 88 -5.96 28.20 9.76
C PHE A 88 -4.99 27.04 9.50
N SER A 89 -3.75 27.15 9.96
CA SER A 89 -2.80 26.07 9.72
C SER A 89 -1.80 25.90 10.86
N TYR A 90 -1.18 24.72 10.88
CA TYR A 90 -0.18 24.34 11.85
C TYR A 90 0.97 23.77 11.07
N SER A 91 2.19 24.22 11.36
CA SER A 91 3.35 23.78 10.57
C SER A 91 4.57 23.43 11.41
N TRP A 92 5.50 22.76 10.74
CA TRP A 92 6.77 22.34 11.30
C TRP A 92 7.86 22.87 10.36
N ARG A 93 8.77 23.70 10.89
CA ARG A 93 9.77 24.38 10.06
C ARG A 93 11.09 23.62 9.97
N SER A 94 11.61 23.47 8.76
CA SER A 94 12.87 22.78 8.56
C SER A 94 13.97 23.40 9.42
N LYS A 95 14.03 24.73 9.39
CA LYS A 95 14.96 25.50 10.21
C LYS A 95 14.63 25.37 11.70
N LYS A 96 15.55 24.76 12.47
CA LYS A 96 15.40 24.67 13.92
C LYS A 96 14.25 23.79 14.42
N GLY A 97 13.51 23.19 13.50
CA GLY A 97 12.41 22.33 13.91
C GLY A 97 11.37 23.05 14.74
N THR A 98 11.17 24.34 14.44
CA THR A 98 10.21 25.17 15.15
C THR A 98 8.78 24.89 14.69
N LYS A 99 7.83 24.94 15.62
CA LYS A 99 6.43 24.78 15.24
C LYS A 99 5.76 26.15 15.17
N PHE A 100 4.93 26.33 14.14
CA PHE A 100 4.30 27.62 13.88
C PHE A 100 2.79 27.49 13.79
N HIS A 101 2.11 28.44 14.43
CA HIS A 101 0.67 28.58 14.34
C HIS A 101 0.34 30.01 14.73
N GLN A 102 -0.54 30.66 13.96
CA GLN A 102 -0.89 32.06 14.17
C GLN A 102 0.33 32.96 14.22
N SER A 103 1.31 32.70 13.34
CA SER A 103 2.54 33.48 13.25
C SER A 103 3.39 33.47 14.52
N ILE A 104 3.17 32.48 15.38
CA ILE A 104 3.99 32.33 16.57
C ILE A 104 4.80 31.03 16.52
N GLY A 105 6.14 31.17 16.51
CA GLY A 105 7.00 30.02 16.54
C GLY A 105 7.36 29.60 17.96
N LYS A 106 7.27 28.30 18.25
CA LYS A 106 7.60 27.78 19.57
C LYS A 106 8.55 26.60 19.46
N HIS A 107 9.35 26.37 20.52
CA HIS A 107 10.27 25.25 20.53
C HIS A 107 9.55 23.93 20.38
N TYR A 108 10.11 23.03 19.60
CA TYR A 108 9.49 21.74 19.38
C TYR A 108 10.52 20.62 19.26
N SER A 109 11.23 20.59 18.13
CA SER A 109 12.24 19.57 17.91
C SER A 109 13.50 20.19 17.36
N SER A 110 14.47 19.36 16.98
CA SER A 110 15.62 19.87 16.24
C SER A 110 15.22 19.98 14.78
N GLY A 111 16.06 20.62 13.97
CA GLY A 111 15.73 20.84 12.58
C GLY A 111 15.68 19.60 11.71
N TYR A 112 15.13 19.74 10.52
CA TYR A 112 15.19 18.68 9.51
C TYR A 112 15.69 19.28 8.19
N GLY A 113 16.09 18.43 7.26
CA GLY A 113 16.66 18.92 6.01
C GLY A 113 16.72 17.87 4.91
N GLN A 114 17.57 18.11 3.92
CA GLN A 114 17.63 17.27 2.73
C GLN A 114 17.79 15.81 3.07
N GLY A 115 16.99 14.95 2.45
CA GLY A 115 17.10 13.52 2.62
C GLY A 115 16.24 12.96 3.73
N ASP A 116 15.74 13.82 4.62
CA ASP A 116 14.86 13.39 5.69
C ASP A 116 13.48 13.01 5.16
N VAL A 117 12.88 12.00 5.80
CA VAL A 117 11.52 11.58 5.48
C VAL A 117 10.64 11.93 6.67
N LEU A 118 9.79 12.93 6.49
CA LEU A 118 8.99 13.46 7.57
C LEU A 118 7.60 12.81 7.62
N GLY A 119 7.11 12.58 8.84
CA GLY A 119 5.80 11.98 9.02
C GLY A 119 4.80 12.96 9.63
N PHE A 120 3.55 12.89 9.17
CA PHE A 120 2.51 13.82 9.59
C PHE A 120 1.24 13.09 10.01
N TYR A 121 0.92 13.21 11.30
CA TYR A 121 -0.20 12.50 11.90
C TYR A 121 -1.18 13.51 12.45
N ILE A 122 -2.46 13.24 12.27
CA ILE A 122 -3.48 14.07 12.87
C ILE A 122 -4.58 13.17 13.40
N ASN A 123 -5.17 13.55 14.53
CA ASN A 123 -6.29 12.80 15.09
C ASN A 123 -7.41 13.76 15.46
N LEU A 124 -8.56 13.55 14.85
CA LEU A 124 -9.73 14.38 15.10
C LEU A 124 -10.88 13.49 15.60
N PRO A 125 -10.84 13.12 16.89
CA PRO A 125 -11.88 12.25 17.44
C PRO A 125 -13.24 12.93 17.40
N GLU A 126 -14.32 12.16 17.32
CA GLU A 126 -15.66 12.74 17.34
C GLU A 126 -16.33 12.55 18.70
N ASP A 127 -17.45 13.23 18.90
CA ASP A 127 -18.17 13.20 20.17
C ASP A 127 -18.68 11.80 20.50
N GLY A 133 -12.78 13.21 23.47
CA GLY A 133 -11.63 13.00 22.62
C GLY A 133 -10.88 14.29 22.31
N SER A 134 -9.60 14.33 22.64
CA SER A 134 -8.77 15.49 22.39
C SER A 134 -8.04 15.39 21.05
N SER A 135 -8.27 16.35 20.16
CA SER A 135 -7.57 16.38 18.87
C SER A 135 -6.08 16.57 19.08
N GLU A 136 -5.26 16.04 18.17
CA GLU A 136 -3.81 16.15 18.28
C GLU A 136 -3.11 16.24 16.92
N ILE A 137 -1.98 16.93 16.89
CA ILE A 137 -1.10 16.92 15.73
C ILE A 137 0.28 16.46 16.17
N ILE A 138 0.83 15.48 15.49
CA ILE A 138 2.10 14.89 15.86
C ILE A 138 2.98 14.77 14.64
N PHE A 139 4.25 15.12 14.77
CA PHE A 139 5.19 15.00 13.65
C PHE A 139 6.20 13.89 13.91
N TYR A 140 6.68 13.27 12.83
CA TYR A 140 7.68 12.20 12.91
C TYR A 140 8.86 12.57 12.03
N LYS A 141 10.06 12.16 12.45
CA LYS A 141 11.24 12.37 11.63
C LYS A 141 11.96 11.03 11.47
N ASN A 142 11.99 10.53 10.24
CA ASN A 142 12.58 9.23 9.96
C ASN A 142 12.07 8.14 10.89
N GLY A 143 10.76 8.10 11.09
CA GLY A 143 10.14 7.07 11.89
C GLY A 143 10.13 7.33 13.38
N VAL A 144 10.73 8.44 13.81
CA VAL A 144 10.81 8.73 15.23
C VAL A 144 9.81 9.79 15.65
N ASN A 145 8.92 9.43 16.58
CA ASN A 145 7.90 10.35 17.08
C ASN A 145 8.56 11.55 17.74
N GLN A 146 8.21 12.76 17.30
CA GLN A 146 8.84 13.98 17.81
C GLN A 146 8.02 14.63 18.92
N GLY A 147 6.88 14.02 19.27
CA GLY A 147 6.03 14.54 20.32
C GLY A 147 4.79 15.26 19.82
N VAL A 148 3.82 15.43 20.70
CA VAL A 148 2.61 16.17 20.37
C VAL A 148 2.94 17.64 20.22
N ALA A 149 2.74 18.19 19.02
CA ALA A 149 3.02 19.60 18.76
C ALA A 149 1.85 20.49 19.15
N TYR A 150 0.64 20.05 18.84
CA TYR A 150 -0.55 20.83 19.15
C TYR A 150 -1.67 19.90 19.61
N LYS A 151 -2.46 20.36 20.57
CA LYS A 151 -3.63 19.61 21.03
C LYS A 151 -4.84 20.54 21.00
N ASP A 152 -6.05 19.96 20.90
CA ASP A 152 -7.27 20.76 20.90
C ASP A 152 -7.20 21.87 19.85
N ILE A 153 -7.07 21.47 18.58
CA ILE A 153 -6.92 22.44 17.50
C ILE A 153 -8.30 22.90 17.05
N PHE A 154 -8.36 23.99 16.30
CA PHE A 154 -9.63 24.45 15.74
C PHE A 154 -10.35 23.33 14.99
N GLU A 155 -11.65 23.20 15.20
CA GLU A 155 -12.42 22.19 14.48
C GLU A 155 -12.55 22.61 13.02
N GLY A 156 -12.49 21.64 12.11
CA GLY A 156 -12.62 21.94 10.69
C GLY A 156 -12.03 20.83 9.85
N VAL A 157 -11.90 21.09 8.55
CA VAL A 157 -11.36 20.14 7.59
C VAL A 157 -9.90 20.47 7.32
N TYR A 158 -9.03 19.49 7.52
CA TYR A 158 -7.59 19.71 7.37
C TYR A 158 -7.02 19.00 6.15
N PHE A 159 -6.30 19.77 5.35
CA PHE A 159 -5.65 19.28 4.14
C PHE A 159 -4.16 19.20 4.37
N PRO A 160 -3.55 18.07 3.98
CA PRO A 160 -2.08 18.06 3.94
C PRO A 160 -1.61 19.30 3.18
N ALA A 161 -0.56 19.96 3.65
CA ALA A 161 -0.16 21.24 3.06
C ALA A 161 1.34 21.44 3.09
N ILE A 162 1.83 22.05 2.01
CA ILE A 162 3.26 22.30 1.85
C ILE A 162 3.48 23.78 1.55
N SER A 163 4.36 24.43 2.32
CA SER A 163 4.80 25.77 1.93
C SER A 163 6.31 25.76 1.85
N LEU A 164 6.85 26.40 0.81
CA LEU A 164 8.28 26.38 0.53
C LEU A 164 8.82 27.78 0.33
N TYR A 165 10.05 27.99 0.80
CA TYR A 165 10.75 29.26 0.66
C TYR A 165 11.98 29.06 -0.23
N LYS A 166 12.00 29.77 -1.35
CA LYS A 166 13.03 29.61 -2.36
C LYS A 166 13.05 28.19 -2.93
N SER A 167 14.07 27.86 -3.72
CA SER A 167 13.96 26.69 -4.59
C SER A 167 14.34 25.34 -3.99
N CYS A 168 13.71 24.97 -2.88
CA CYS A 168 13.86 23.61 -2.37
C CYS A 168 12.79 22.72 -3.02
N THR A 169 13.02 21.41 -2.96
CA THR A 169 12.13 20.43 -3.57
C THR A 169 11.71 19.35 -2.58
N VAL A 170 10.40 19.09 -2.49
CA VAL A 170 9.90 18.00 -1.64
C VAL A 170 8.93 17.12 -2.41
N SER A 171 8.79 15.87 -1.97
CA SER A 171 7.84 14.92 -2.56
C SER A 171 6.87 14.40 -1.51
N ILE A 172 5.59 14.35 -1.86
CA ILE A 172 4.59 13.92 -0.90
C ILE A 172 4.11 12.49 -1.22
N ASN A 173 3.91 11.70 -0.17
CA ASN A 173 3.41 10.32 -0.32
C ASN A 173 2.19 10.18 0.58
N PHE A 174 1.02 10.08 -0.04
CA PHE A 174 -0.23 9.97 0.70
C PHE A 174 -0.52 8.53 1.15
N GLY A 175 0.35 7.59 0.75
CA GLY A 175 0.12 6.20 1.07
C GLY A 175 -0.37 5.44 -0.15
N PRO A 176 -0.72 4.16 0.01
CA PRO A 176 -0.82 3.44 1.29
C PRO A 176 0.51 2.87 1.80
N CYS A 177 1.57 2.90 0.99
CA CYS A 177 2.86 2.33 1.37
C CYS A 177 3.83 3.41 1.90
N PHE A 178 4.10 3.37 3.20
CA PHE A 178 4.95 4.39 3.84
C PHE A 178 6.34 3.87 4.10
N LYS A 179 7.31 4.78 4.11
CA LYS A 179 8.69 4.41 4.40
C LYS A 179 8.89 4.08 5.88
N TYR A 180 8.33 4.91 6.77
CA TYR A 180 8.43 4.65 8.21
C TYR A 180 7.07 4.63 8.92
N PRO A 181 6.31 3.54 8.72
CA PRO A 181 4.99 3.47 9.35
C PRO A 181 5.13 3.58 10.86
N PRO A 182 4.38 4.50 11.50
CA PRO A 182 4.47 4.61 12.96
C PRO A 182 4.11 3.30 13.64
N LYS A 183 4.89 2.90 14.65
CA LYS A 183 4.63 1.66 15.34
C LYS A 183 3.70 1.88 16.53
N ASP A 184 3.62 3.13 16.99
CA ASP A 184 2.95 3.44 18.24
C ASP A 184 1.52 3.96 18.10
N LEU A 185 1.05 4.12 16.87
CA LEU A 185 -0.28 4.70 16.63
C LEU A 185 -1.03 4.02 15.50
N THR A 186 -2.35 3.94 15.64
CA THR A 186 -3.20 3.49 14.56
C THR A 186 -3.66 4.70 13.73
N TYR A 187 -3.89 4.48 12.44
CA TYR A 187 -4.28 5.55 11.52
C TYR A 187 -4.75 4.94 10.20
N ARG A 188 -5.27 5.79 9.32
CA ARG A 188 -5.48 5.46 7.91
C ARG A 188 -4.54 6.30 7.06
N PRO A 189 -4.02 5.73 5.96
CA PRO A 189 -3.23 6.54 5.03
C PRO A 189 -4.13 7.59 4.35
N MET A 190 -3.61 8.78 4.08
CA MET A 190 -4.40 9.81 3.41
C MET A 190 -4.98 9.27 2.11
N SER A 191 -4.31 8.30 1.50
CA SER A 191 -4.78 7.72 0.21
C SER A 191 -6.15 7.06 0.33
N ASP A 192 -6.51 6.67 1.55
CA ASP A 192 -7.85 6.13 1.79
C ASP A 192 -8.95 7.17 1.58
N MET A 193 -8.61 8.45 1.50
CA MET A 193 -9.64 9.46 1.21
C MET A 193 -10.16 9.33 -0.23
N GLY A 194 -9.46 8.58 -1.06
CA GLY A 194 -9.86 8.46 -2.45
C GLY A 194 -11.01 7.49 -2.72
N TRP A 195 -11.35 6.65 -1.74
CA TRP A 195 -12.44 5.67 -1.93
C TRP A 195 -13.82 6.31 -2.04
N GLY A 196 -14.57 5.95 -3.08
CA GLY A 196 -15.89 6.53 -3.34
C GLY A 196 -17.01 5.50 -3.37
N ALA A 197 -18.05 5.74 -4.17
CA ALA A 197 -19.26 4.92 -4.17
C ALA A 197 -19.04 3.49 -4.64
N VAL A 198 -19.73 2.55 -4.00
CA VAL A 198 -19.72 1.15 -4.37
C VAL A 198 -20.71 0.88 -5.52
N VAL A 199 -20.31 0.07 -6.49
CA VAL A 199 -21.12 -0.21 -7.67
C VAL A 199 -21.84 -1.56 -7.53
N GLU A 200 -23.10 -1.62 -7.94
CA GLU A 200 -23.86 -2.87 -7.81
CA GLU A 200 -23.87 -2.86 -7.82
C GLU A 200 -23.74 -3.73 -9.07
N HIS A 201 -23.71 -5.04 -8.87
CA HIS A 201 -23.66 -5.97 -9.98
C HIS A 201 -24.53 -7.19 -9.68
N SER B 1 -3.25 19.53 -16.80
CA SER B 1 -4.17 18.47 -17.18
C SER B 1 -4.88 17.88 -15.95
N GLY B 2 -6.18 17.65 -16.08
CA GLY B 2 -6.95 17.05 -15.00
C GLY B 2 -7.04 15.54 -15.11
N ASP B 3 -6.33 14.95 -16.07
CA ASP B 3 -6.48 13.53 -16.34
C ASP B 3 -6.16 12.60 -15.17
N LEU B 4 -5.12 12.91 -14.40
CA LEU B 4 -4.74 12.06 -13.28
C LEU B 4 -5.74 12.16 -12.13
N TYR B 5 -6.58 13.19 -12.16
CA TYR B 5 -7.56 13.43 -11.11
C TYR B 5 -8.87 12.67 -11.33
N ARG B 6 -9.03 12.06 -12.51
CA ARG B 6 -10.26 11.32 -12.83
C ARG B 6 -10.48 10.04 -12.01
N ALA B 7 -11.75 9.74 -11.73
CA ALA B 7 -12.09 8.50 -11.01
C ALA B 7 -11.87 7.25 -11.86
N CYS B 8 -11.60 6.13 -11.19
CA CYS B 8 -11.41 4.83 -11.83
C CYS B 8 -12.21 3.78 -11.04
N LEU B 9 -12.69 2.74 -11.71
CA LEU B 9 -13.32 1.61 -11.02
C LEU B 9 -12.24 0.69 -10.45
N TYR B 10 -12.50 0.14 -9.26
CA TYR B 10 -11.56 -0.78 -8.62
C TYR B 10 -12.31 -1.90 -7.89
N GLU B 11 -11.85 -3.14 -8.04
CA GLU B 11 -12.40 -4.24 -7.25
C GLU B 11 -11.29 -4.95 -6.49
N ARG B 12 -11.59 -5.41 -5.28
CA ARG B 12 -10.59 -6.05 -4.44
C ARG B 12 -10.16 -7.40 -5.01
N VAL B 13 -8.89 -7.73 -4.82
CA VAL B 13 -8.42 -9.06 -5.16
C VAL B 13 -8.41 -9.83 -3.82
N LEU B 14 -9.09 -10.98 -3.79
CA LEU B 14 -9.28 -11.70 -2.52
C LEU B 14 -9.18 -13.19 -2.77
N LEU B 15 -9.16 -14.01 -1.72
CA LEU B 15 -9.43 -15.43 -1.92
C LEU B 15 -10.81 -15.57 -2.53
N ALA B 16 -11.04 -16.57 -3.38
CA ALA B 16 -12.29 -16.65 -4.14
C ALA B 16 -13.59 -16.75 -3.32
N LEU B 17 -14.66 -16.20 -3.88
CA LEU B 17 -15.99 -16.28 -3.30
C LEU B 17 -16.52 -17.73 -3.30
N HIS B 18 -16.47 -18.39 -4.47
CA HIS B 18 -17.00 -19.75 -4.60
C HIS B 18 -15.96 -20.75 -5.11
N ASP B 19 -14.87 -20.26 -5.70
CA ASP B 19 -13.87 -21.13 -6.34
C ASP B 19 -12.88 -21.68 -5.31
N ARG B 20 -13.39 -22.52 -4.42
CA ARG B 20 -12.67 -22.95 -3.23
C ARG B 20 -13.14 -24.33 -2.75
N ALA B 21 -12.23 -25.10 -2.19
CA ALA B 21 -12.57 -26.32 -1.45
C ALA B 21 -13.38 -25.87 -0.25
N PRO B 22 -14.61 -26.39 -0.10
CA PRO B 22 -15.50 -25.87 0.95
C PRO B 22 -15.05 -26.20 2.38
N GLN B 23 -14.17 -27.18 2.58
CA GLN B 23 -13.73 -27.51 3.93
C GLN B 23 -12.72 -26.50 4.50
N LEU B 24 -12.09 -25.69 3.63
CA LEU B 24 -11.16 -24.66 4.10
C LEU B 24 -11.94 -23.57 4.82
N LYS B 25 -11.41 -23.13 5.96
CA LYS B 25 -12.06 -22.09 6.75
C LYS B 25 -11.44 -20.72 6.47
N ILE B 26 -12.19 -19.85 5.79
CA ILE B 26 -11.68 -18.56 5.34
C ILE B 26 -12.24 -17.41 6.18
N SER B 27 -11.38 -16.45 6.53
CA SER B 27 -11.81 -15.34 7.38
C SER B 27 -12.80 -14.42 6.69
N ASP B 28 -13.48 -13.59 7.47
CA ASP B 28 -14.43 -12.63 6.91
C ASP B 28 -13.80 -11.63 5.95
N ASP B 29 -12.54 -11.29 6.14
CA ASP B 29 -11.92 -10.33 5.21
C ASP B 29 -11.39 -11.03 3.95
N ARG B 30 -11.54 -12.36 3.92
CA ARG B 30 -11.21 -13.19 2.76
C ARG B 30 -9.72 -13.23 2.46
N LEU B 31 -8.90 -13.02 3.49
CA LEU B 31 -7.44 -13.06 3.28
C LEU B 31 -6.71 -14.07 4.16
N THR B 32 -7.40 -14.67 5.12
CA THR B 32 -6.78 -15.68 5.98
C THR B 32 -7.54 -17.00 5.85
N VAL B 33 -6.80 -18.12 5.84
CA VAL B 33 -7.43 -19.42 5.61
C VAL B 33 -6.78 -20.50 6.46
N VAL B 34 -7.59 -21.42 6.98
CA VAL B 34 -7.14 -22.55 7.82
C VAL B 34 -7.50 -23.89 7.17
N GLY B 35 -6.55 -24.81 7.15
CA GLY B 35 -6.75 -26.13 6.55
C GLY B 35 -7.60 -27.07 7.40
N GLU B 36 -7.99 -28.18 6.81
CA GLU B 36 -8.85 -29.15 7.48
C GLU B 36 -8.61 -30.55 6.91
N LYS B 37 -8.05 -31.44 7.73
CA LYS B 37 -7.76 -32.81 7.30
C LYS B 37 -6.91 -32.87 6.03
N GLY B 38 -7.28 -33.72 5.07
CA GLY B 38 -6.50 -33.90 3.86
C GLY B 38 -6.28 -32.60 3.08
N TYR B 39 -5.26 -32.58 2.21
CA TYR B 39 -4.98 -31.41 1.37
C TYR B 39 -6.21 -30.95 0.60
N SER B 40 -6.46 -29.65 0.60
CA SER B 40 -7.47 -29.08 -0.26
C SER B 40 -7.07 -27.64 -0.57
N MET B 41 -7.72 -27.03 -1.57
CA MET B 41 -7.12 -25.87 -2.22
C MET B 41 -8.12 -24.73 -2.45
N VAL B 42 -7.64 -23.48 -2.48
CA VAL B 42 -8.45 -22.32 -2.88
C VAL B 42 -7.65 -21.40 -3.82
N ARG B 43 -8.32 -20.85 -4.86
CA ARG B 43 -7.67 -19.89 -5.77
C ARG B 43 -8.11 -18.47 -5.42
N ALA B 44 -7.33 -17.47 -5.84
CA ALA B 44 -7.72 -16.08 -5.72
C ALA B 44 -8.87 -15.75 -6.69
N SER B 45 -9.40 -14.54 -6.56
CA SER B 45 -10.53 -14.06 -7.36
C SER B 45 -10.08 -13.63 -8.76
N HIS B 46 -8.80 -13.30 -8.91
CA HIS B 46 -8.29 -12.78 -10.17
C HIS B 46 -7.06 -13.57 -10.59
N GLY B 47 -6.90 -13.76 -11.90
CA GLY B 47 -5.73 -14.46 -12.44
C GLY B 47 -5.06 -13.66 -13.55
N VAL B 48 -3.85 -14.03 -13.93
CA VAL B 48 -3.08 -13.25 -14.91
C VAL B 48 -2.67 -14.10 -16.12
N ARG B 49 -2.59 -13.46 -17.28
CA ARG B 49 -2.30 -14.14 -18.53
C ARG B 49 -1.02 -13.63 -19.19
N LYS B 50 -0.64 -12.39 -18.88
CA LYS B 50 0.60 -11.83 -19.41
C LYS B 50 1.23 -10.82 -18.45
N GLY B 51 2.55 -10.65 -18.58
CA GLY B 51 3.28 -9.74 -17.72
C GLY B 51 3.83 -10.41 -16.47
N ALA B 52 4.44 -9.61 -15.61
CA ALA B 52 5.05 -10.09 -14.38
C ALA B 52 4.26 -9.62 -13.16
N TRP B 53 3.97 -10.53 -12.23
CA TRP B 53 3.09 -10.26 -11.11
C TRP B 53 3.64 -10.86 -9.81
N TYR B 54 3.18 -10.34 -8.67
CA TYR B 54 3.72 -10.74 -7.37
C TYR B 54 2.67 -10.74 -6.26
N PHE B 55 2.83 -11.63 -5.29
CA PHE B 55 2.06 -11.56 -4.05
C PHE B 55 2.85 -12.19 -2.90
N GLU B 56 2.39 -12.02 -1.67
CA GLU B 56 3.04 -12.61 -0.51
C GLU B 56 2.07 -13.44 0.30
N ILE B 57 2.60 -14.43 1.01
CA ILE B 57 1.85 -15.20 1.98
C ILE B 57 2.64 -15.33 3.28
N THR B 58 1.99 -15.04 4.40
CA THR B 58 2.61 -15.21 5.72
C THR B 58 2.07 -16.47 6.39
N VAL B 59 2.97 -17.30 6.91
CA VAL B 59 2.57 -18.48 7.65
C VAL B 59 2.29 -18.10 9.11
N ASP B 60 1.02 -17.89 9.43
CA ASP B 60 0.65 -17.42 10.77
C ASP B 60 0.87 -18.50 11.83
N GLU B 61 0.44 -19.72 11.53
CA GLU B 61 0.60 -20.81 12.49
C GLU B 61 0.74 -22.13 11.74
N MET B 62 1.76 -22.88 12.11
CA MET B 62 1.98 -24.17 11.47
C MET B 62 2.47 -25.19 12.50
N PRO B 63 1.52 -25.82 13.22
CA PRO B 63 1.83 -26.91 14.17
C PRO B 63 2.57 -28.07 13.50
N PRO B 64 3.23 -28.90 14.30
CA PRO B 64 4.20 -29.93 13.91
C PRO B 64 3.70 -30.92 12.84
N ASP B 65 2.43 -31.28 12.89
CA ASP B 65 1.89 -32.26 11.97
C ASP B 65 1.09 -31.62 10.82
N THR B 66 1.40 -30.38 10.46
CA THR B 66 0.65 -29.72 9.38
C THR B 66 1.57 -29.22 8.27
N ALA B 67 1.01 -28.81 7.13
CA ALA B 67 1.84 -28.42 5.99
C ALA B 67 1.08 -27.64 4.94
N ALA B 68 1.82 -27.01 4.03
CA ALA B 68 1.23 -26.25 2.94
C ALA B 68 1.98 -26.48 1.63
N ARG B 69 1.24 -26.36 0.52
CA ARG B 69 1.82 -26.27 -0.80
C ARG B 69 1.19 -25.07 -1.47
N LEU B 70 2.03 -24.09 -1.80
CA LEU B 70 1.57 -22.76 -2.18
C LEU B 70 2.12 -22.39 -3.56
N GLY B 71 1.37 -21.61 -4.35
CA GLY B 71 1.84 -21.27 -5.68
C GLY B 71 0.78 -20.68 -6.59
N TRP B 72 0.68 -21.24 -7.79
CA TRP B 72 -0.15 -20.71 -8.86
C TRP B 72 -0.92 -21.85 -9.52
N SER B 73 -2.17 -21.60 -9.88
CA SER B 73 -3.00 -22.63 -10.50
C SER B 73 -3.84 -22.06 -11.63
N GLN B 74 -3.96 -22.81 -12.73
CA GLN B 74 -5.00 -22.54 -13.72
C GLN B 74 -6.37 -22.98 -13.20
N PRO B 75 -7.45 -22.53 -13.86
CA PRO B 75 -8.80 -22.82 -13.37
C PRO B 75 -9.13 -24.32 -13.28
N LEU B 76 -8.49 -25.16 -14.09
CA LEU B 76 -8.78 -26.60 -14.05
C LEU B 76 -8.08 -27.36 -12.91
N GLY B 77 -7.24 -26.67 -12.13
CA GLY B 77 -6.56 -27.32 -11.00
C GLY B 77 -7.52 -27.94 -9.99
N ASN B 78 -7.19 -29.14 -9.51
CA ASN B 78 -8.07 -29.93 -8.64
C ASN B 78 -8.20 -29.30 -7.24
N LEU B 79 -9.41 -28.87 -6.87
CA LEU B 79 -9.60 -28.23 -5.56
C LEU B 79 -9.44 -29.21 -4.40
N GLN B 80 -9.61 -30.51 -4.68
CA GLN B 80 -9.57 -31.51 -3.62
C GLN B 80 -8.27 -32.29 -3.64
N ALA B 81 -7.19 -31.61 -3.98
CA ALA B 81 -5.86 -32.23 -4.05
C ALA B 81 -4.82 -31.18 -3.64
N PRO B 82 -3.60 -31.63 -3.30
CA PRO B 82 -2.54 -30.64 -3.04
C PRO B 82 -2.22 -29.85 -4.30
N LEU B 83 -1.85 -28.59 -4.14
CA LEU B 83 -1.42 -27.78 -5.28
C LEU B 83 -0.22 -28.48 -5.94
N GLY B 84 -0.13 -28.43 -7.27
CA GLY B 84 0.96 -29.12 -7.96
C GLY B 84 0.66 -30.60 -8.21
N TYR B 85 -0.55 -31.01 -7.87
CA TYR B 85 -0.98 -32.40 -8.09
C TYR B 85 -1.10 -32.80 -9.57
N ASP B 86 -1.48 -31.85 -10.42
CA ASP B 86 -1.74 -32.17 -11.82
C ASP B 86 -0.99 -31.20 -12.73
N LYS B 87 -1.33 -31.20 -14.01
CA LYS B 87 -0.61 -30.36 -14.96
C LYS B 87 -1.07 -28.90 -14.93
N PHE B 88 -2.08 -28.60 -14.12
CA PHE B 88 -2.64 -27.25 -14.10
C PHE B 88 -2.06 -26.31 -13.03
N SER B 89 -1.11 -26.80 -12.23
CA SER B 89 -0.57 -25.95 -11.16
C SER B 89 0.87 -26.26 -10.81
N TYR B 90 1.49 -25.31 -10.10
CA TYR B 90 2.90 -25.37 -9.71
C TYR B 90 2.96 -24.90 -8.25
N SER B 91 3.67 -25.64 -7.40
CA SER B 91 3.62 -25.36 -5.96
C SER B 91 4.96 -25.50 -5.25
N TRP B 92 5.01 -24.98 -4.02
CA TRP B 92 6.20 -24.99 -3.17
C TRP B 92 5.77 -25.52 -1.81
N ARG B 93 6.38 -26.62 -1.35
CA ARG B 93 5.92 -27.30 -0.13
C ARG B 93 6.70 -26.88 1.12
N SER B 94 5.98 -26.57 2.20
CA SER B 94 6.63 -26.16 3.45
C SER B 94 7.66 -27.19 3.92
N LYS B 95 7.24 -28.45 3.95
CA LYS B 95 8.13 -29.56 4.29
C LYS B 95 9.20 -29.76 3.22
N LYS B 96 10.46 -29.56 3.60
CA LYS B 96 11.61 -29.78 2.71
C LYS B 96 11.81 -28.77 1.56
N GLY B 97 10.89 -27.84 1.38
CA GLY B 97 11.03 -26.85 0.31
C GLY B 97 10.94 -27.45 -1.10
N THR B 98 10.25 -28.58 -1.21
CA THR B 98 10.09 -29.31 -2.48
C THR B 98 9.17 -28.56 -3.46
N LYS B 99 9.49 -28.58 -4.76
CA LYS B 99 8.58 -27.99 -5.77
C LYS B 99 7.78 -29.09 -6.49
N PHE B 100 6.47 -28.90 -6.63
CA PHE B 100 5.57 -29.92 -7.19
C PHE B 100 4.83 -29.45 -8.45
N HIS B 101 4.75 -30.33 -9.44
CA HIS B 101 3.97 -30.13 -10.66
C HIS B 101 3.69 -31.54 -11.20
N GLN B 102 2.46 -31.78 -11.64
CA GLN B 102 2.04 -33.12 -12.07
C GLN B 102 2.40 -34.21 -11.06
N SER B 103 2.29 -33.87 -9.77
CA SER B 103 2.54 -34.80 -8.66
C SER B 103 3.98 -35.28 -8.59
N ILE B 104 4.86 -34.56 -9.27
CA ILE B 104 6.28 -34.89 -9.21
C ILE B 104 7.00 -33.83 -8.40
N GLY B 105 7.63 -34.24 -7.30
CA GLY B 105 8.37 -33.32 -6.47
C GLY B 105 9.85 -33.34 -6.76
N LYS B 106 10.42 -32.16 -7.00
CA LYS B 106 11.84 -32.03 -7.30
C LYS B 106 12.53 -31.17 -6.24
N HIS B 107 13.82 -31.38 -6.05
CA HIS B 107 14.57 -30.57 -5.10
C HIS B 107 14.55 -29.10 -5.52
N TYR B 108 14.35 -28.20 -4.55
CA TYR B 108 14.30 -26.78 -4.87
C TYR B 108 14.99 -25.94 -3.80
N SER B 109 14.34 -25.74 -2.65
CA SER B 109 14.96 -24.93 -1.59
C SER B 109 14.97 -25.71 -0.28
N SER B 110 15.31 -25.04 0.82
CA SER B 110 15.08 -25.63 2.13
C SER B 110 13.64 -25.33 2.54
N GLY B 111 13.15 -25.99 3.58
CA GLY B 111 11.75 -25.82 3.96
C GLY B 111 11.40 -24.43 4.47
N TYR B 112 10.11 -24.20 4.70
CA TYR B 112 9.65 -22.98 5.34
C TYR B 112 8.61 -23.35 6.37
N GLY B 113 8.32 -22.44 7.30
CA GLY B 113 7.38 -22.77 8.35
C GLY B 113 6.79 -21.55 9.04
N GLN B 114 6.33 -21.74 10.28
CA GLN B 114 5.64 -20.69 11.01
C GLN B 114 6.46 -19.41 11.06
N GLY B 115 5.83 -18.28 10.77
CA GLY B 115 6.51 -17.00 10.87
C GLY B 115 7.14 -16.50 9.57
N ASP B 116 7.40 -17.41 8.63
CA ASP B 116 8.00 -16.99 7.37
C ASP B 116 7.05 -16.19 6.48
N VAL B 117 7.63 -15.23 5.75
CA VAL B 117 6.88 -14.48 4.76
C VAL B 117 7.36 -14.89 3.37
N LEU B 118 6.51 -15.62 2.64
CA LEU B 118 6.86 -16.14 1.33
C LEU B 118 6.41 -15.22 0.20
N GLY B 119 7.25 -15.12 -0.84
CA GLY B 119 6.97 -14.29 -2.01
C GLY B 119 6.77 -15.15 -3.25
N PHE B 120 5.82 -14.76 -4.12
CA PHE B 120 5.46 -15.51 -5.32
C PHE B 120 5.46 -14.60 -6.55
N TYR B 121 6.39 -14.89 -7.46
CA TYR B 121 6.57 -14.13 -8.69
C TYR B 121 6.24 -15.01 -9.88
N ILE B 122 5.57 -14.44 -10.86
CA ILE B 122 5.38 -15.14 -12.13
C ILE B 122 5.59 -14.15 -13.26
N ASN B 123 6.14 -14.64 -14.37
CA ASN B 123 6.29 -13.79 -15.57
C ASN B 123 5.75 -14.56 -16.76
N LEU B 124 4.80 -13.97 -17.47
CA LEU B 124 4.15 -14.66 -18.58
C LEU B 124 4.40 -13.90 -19.87
N PRO B 125 4.63 -14.62 -20.98
CA PRO B 125 5.16 -14.11 -22.25
C PRO B 125 5.07 -12.58 -22.42
N GLU B 126 4.13 -12.10 -23.23
CA GLU B 126 4.00 -10.68 -23.54
C GLU B 126 4.95 -10.25 -24.66
N ASP B 127 6.20 -9.99 -24.30
CA ASP B 127 7.28 -9.66 -25.23
C ASP B 127 6.86 -9.63 -26.71
N GLY B 133 12.98 -19.69 -23.08
CA GLY B 133 12.51 -19.60 -21.71
C GLY B 133 11.85 -18.27 -21.40
N SER B 134 10.69 -18.02 -21.99
CA SER B 134 10.00 -16.75 -21.78
C SER B 134 9.33 -16.68 -20.40
N SER B 135 8.44 -17.62 -20.11
CA SER B 135 7.75 -17.61 -18.82
C SER B 135 8.59 -18.22 -17.68
N GLU B 136 8.31 -17.80 -16.45
CA GLU B 136 9.06 -18.27 -15.28
C GLU B 136 8.25 -18.15 -14.01
N ILE B 137 8.52 -19.05 -13.07
CA ILE B 137 7.97 -18.96 -11.72
C ILE B 137 9.13 -18.92 -10.73
N ILE B 138 9.13 -17.93 -9.85
CA ILE B 138 10.19 -17.76 -8.86
C ILE B 138 9.61 -17.61 -7.46
N PHE B 139 10.20 -18.27 -6.45
CA PHE B 139 9.72 -18.14 -5.07
C PHE B 139 10.73 -17.39 -4.18
N TYR B 140 10.22 -16.69 -3.17
CA TYR B 140 11.06 -15.94 -2.22
C TYR B 140 10.76 -16.35 -0.78
N LYS B 141 11.78 -16.32 0.09
CA LYS B 141 11.56 -16.50 1.52
C LYS B 141 12.18 -15.35 2.32
N ASN B 142 11.33 -14.63 3.05
CA ASN B 142 11.76 -13.48 3.82
C ASN B 142 12.63 -12.55 3.00
N GLY B 143 12.27 -12.34 1.74
CA GLY B 143 12.98 -11.41 0.89
C GLY B 143 14.16 -11.99 0.13
N VAL B 144 14.44 -13.27 0.31
CA VAL B 144 15.55 -13.89 -0.40
C VAL B 144 15.07 -14.73 -1.59
N ASN B 145 15.54 -14.39 -2.79
CA ASN B 145 15.23 -15.13 -4.00
C ASN B 145 15.69 -16.59 -3.89
N GLN B 146 14.77 -17.55 -3.99
CA GLN B 146 15.12 -18.96 -3.83
C GLN B 146 15.49 -19.63 -5.15
N GLY B 147 15.49 -18.87 -6.24
CA GLY B 147 15.84 -19.39 -7.55
C GLY B 147 14.64 -19.62 -8.43
N VAL B 148 14.88 -19.81 -9.73
CA VAL B 148 13.81 -20.08 -10.67
C VAL B 148 13.32 -21.51 -10.46
N ALA B 149 12.03 -21.67 -10.20
CA ALA B 149 11.48 -23.00 -9.98
C ALA B 149 11.05 -23.68 -11.28
N TYR B 150 10.30 -22.95 -12.10
CA TYR B 150 9.83 -23.50 -13.38
C TYR B 150 9.98 -22.48 -14.51
N LYS B 151 10.31 -22.98 -15.70
CA LYS B 151 10.40 -22.17 -16.91
C LYS B 151 9.48 -22.77 -17.98
N ASP B 152 9.05 -21.93 -18.92
CA ASP B 152 8.26 -22.41 -20.06
C ASP B 152 7.07 -23.22 -19.59
N ILE B 153 6.24 -22.60 -18.76
CA ILE B 153 5.08 -23.29 -18.20
C ILE B 153 3.97 -23.34 -19.22
N PHE B 154 2.96 -24.15 -18.98
CA PHE B 154 1.81 -24.23 -19.89
C PHE B 154 1.13 -22.88 -20.07
N GLU B 155 0.71 -22.60 -21.30
CA GLU B 155 -0.05 -21.40 -21.58
C GLU B 155 -1.36 -21.43 -20.82
N GLY B 156 -1.80 -20.27 -20.37
CA GLY B 156 -3.10 -20.17 -19.70
C GLY B 156 -3.15 -19.01 -18.72
N VAL B 157 -4.23 -18.94 -17.97
CA VAL B 157 -4.42 -17.90 -16.97
C VAL B 157 -4.06 -18.50 -15.61
N TYR B 158 -3.24 -17.79 -14.86
CA TYR B 158 -2.75 -18.29 -13.56
C TYR B 158 -3.28 -17.48 -12.38
N PHE B 159 -3.87 -18.17 -11.41
CA PHE B 159 -4.38 -17.59 -10.17
C PHE B 159 -3.45 -17.93 -8.98
N PRO B 160 -3.15 -16.93 -8.13
CA PRO B 160 -2.54 -17.25 -6.82
C PRO B 160 -3.35 -18.35 -6.16
N ALA B 161 -2.69 -19.30 -5.50
CA ALA B 161 -3.37 -20.50 -5.03
C ALA B 161 -2.73 -21.04 -3.73
N ILE B 162 -3.59 -21.49 -2.82
CA ILE B 162 -3.15 -22.02 -1.51
C ILE B 162 -3.74 -23.41 -1.26
N SER B 163 -2.89 -24.40 -0.98
CA SER B 163 -3.39 -25.69 -0.49
C SER B 163 -2.80 -26.00 0.89
N LEU B 164 -3.62 -26.52 1.79
CA LEU B 164 -3.19 -26.74 3.18
C LEU B 164 -3.55 -28.15 3.64
N TYR B 165 -2.70 -28.71 4.50
CA TYR B 165 -2.89 -30.04 5.06
C TYR B 165 -3.03 -29.91 6.58
N LYS B 166 -4.18 -30.34 7.10
CA LYS B 166 -4.53 -30.14 8.50
C LYS B 166 -4.55 -28.67 8.91
N SER B 167 -4.57 -28.42 10.22
CA SER B 167 -5.00 -27.10 10.72
C SER B 167 -3.90 -26.05 10.86
N CYS B 168 -3.18 -25.79 9.77
CA CYS B 168 -2.27 -24.64 9.76
C CYS B 168 -3.04 -23.43 9.21
N THR B 169 -2.53 -22.24 9.51
CA THR B 169 -3.20 -20.98 9.17
C THR B 169 -2.25 -20.07 8.40
N VAL B 170 -2.70 -19.55 7.25
CA VAL B 170 -1.88 -18.61 6.47
C VAL B 170 -2.70 -17.39 6.02
N SER B 171 -2.02 -16.27 5.77
CA SER B 171 -2.66 -15.04 5.30
C SER B 171 -2.02 -14.58 4.00
N ILE B 172 -2.83 -14.16 3.04
CA ILE B 172 -2.30 -13.75 1.74
C ILE B 172 -2.34 -12.22 1.60
N ASN B 173 -1.30 -11.64 1.02
CA ASN B 173 -1.22 -10.21 0.77
C ASN B 173 -1.00 -10.00 -0.72
N PHE B 174 -2.02 -9.50 -1.41
CA PHE B 174 -1.92 -9.29 -2.84
C PHE B 174 -1.23 -7.97 -3.21
N GLY B 175 -0.95 -7.12 -2.22
CA GLY B 175 -0.36 -5.83 -2.50
C GLY B 175 -1.30 -4.68 -2.16
N PRO B 176 -0.89 -3.42 -2.41
CA PRO B 176 0.38 -3.07 -3.07
C PRO B 176 1.59 -3.01 -2.12
N CYS B 177 1.37 -3.14 -0.82
CA CYS B 177 2.47 -2.96 0.15
C CYS B 177 3.02 -4.29 0.65
N PHE B 178 4.21 -4.66 0.19
CA PHE B 178 4.77 -5.95 0.54
C PHE B 178 5.75 -5.80 1.68
N LYS B 179 5.91 -6.85 2.49
CA LYS B 179 6.87 -6.81 3.58
C LYS B 179 8.29 -6.89 3.07
N TYR B 180 8.51 -7.74 2.07
CA TYR B 180 9.85 -7.91 1.48
C TYR B 180 9.83 -7.74 -0.03
N PRO B 181 9.62 -6.52 -0.52
CA PRO B 181 9.56 -6.28 -1.97
C PRO B 181 10.85 -6.74 -2.67
N PRO B 182 10.74 -7.59 -3.69
CA PRO B 182 11.97 -8.04 -4.36
C PRO B 182 12.79 -6.86 -4.90
N LYS B 183 14.10 -6.92 -4.75
CA LYS B 183 14.97 -5.85 -5.24
C LYS B 183 15.57 -6.18 -6.61
N ASP B 184 15.48 -7.44 -7.02
CA ASP B 184 16.13 -7.88 -8.26
C ASP B 184 15.21 -7.96 -9.48
N LEU B 185 13.90 -7.83 -9.27
CA LEU B 185 12.95 -7.98 -10.36
C LEU B 185 11.90 -6.88 -10.36
N THR B 186 11.36 -6.58 -11.54
CA THR B 186 10.22 -5.68 -11.65
C THR B 186 8.95 -6.51 -11.83
N TYR B 187 7.82 -5.96 -11.42
CA TYR B 187 6.55 -6.68 -11.40
C TYR B 187 5.45 -5.69 -11.08
N ARG B 188 4.21 -6.15 -11.20
CA ARG B 188 3.08 -5.43 -10.63
C ARG B 188 2.51 -6.28 -9.50
N PRO B 189 1.97 -5.61 -8.46
CA PRO B 189 1.33 -6.38 -7.40
C PRO B 189 0.06 -7.01 -7.95
N MET B 190 -0.30 -8.21 -7.49
CA MET B 190 -1.56 -8.81 -7.91
C MET B 190 -2.76 -7.88 -7.68
N SER B 191 -2.65 -7.01 -6.67
CA SER B 191 -3.71 -6.04 -6.36
C SER B 191 -4.02 -5.13 -7.55
N ASP B 192 -3.05 -4.94 -8.43
CA ASP B 192 -3.28 -4.15 -9.64
C ASP B 192 -4.27 -4.80 -10.62
N MET B 193 -4.56 -6.09 -10.46
CA MET B 193 -5.56 -6.73 -11.32
C MET B 193 -6.95 -6.17 -11.03
N GLY B 194 -7.10 -5.51 -9.89
CA GLY B 194 -8.37 -4.93 -9.52
C GLY B 194 -8.77 -3.66 -10.28
N TRP B 195 -7.83 -2.99 -10.95
CA TRP B 195 -8.14 -1.72 -11.66
C TRP B 195 -9.03 -1.89 -12.90
N GLY B 196 -10.08 -1.07 -12.98
CA GLY B 196 -10.97 -1.07 -14.13
C GLY B 196 -10.84 0.22 -14.93
N ALA B 197 -11.93 0.63 -15.57
CA ALA B 197 -11.89 1.76 -16.50
C ALA B 197 -11.93 3.12 -15.80
N VAL B 198 -11.37 4.12 -16.47
CA VAL B 198 -11.50 5.52 -16.05
C VAL B 198 -12.91 6.00 -16.37
N VAL B 199 -13.52 6.78 -15.47
CA VAL B 199 -14.94 7.12 -15.63
C VAL B 199 -15.24 8.56 -15.21
N GLU B 200 -16.49 8.97 -15.45
CA GLU B 200 -17.00 10.26 -15.01
CA GLU B 200 -16.99 10.25 -15.01
C GLU B 200 -18.08 10.06 -13.95
N HIS B 201 -18.04 10.85 -12.89
CA HIS B 201 -19.01 10.70 -11.81
C HIS B 201 -19.08 11.91 -10.89
N THR B 202 -17.95 12.31 -10.30
CA THR B 202 -16.66 11.62 -10.45
C THR B 202 -15.86 11.62 -9.16
#